data_7IB3
#
_entry.id   7IB3
#
_cell.length_a   60.450
_cell.length_b   60.450
_cell.length_c   214.730
_cell.angle_alpha   90.00
_cell.angle_beta   90.00
_cell.angle_gamma   90.00
#
_symmetry.space_group_name_H-M   'P 43 21 2'
#
loop_
_entity.id
_entity.type
_entity.pdbx_description
1 polymer 'NS2B co-factor'
2 polymer 'NS3 protease'
3 non-polymer 1-(1-ethyl-1H-pyrrol-3-yl)methanamine
4 water water
#
loop_
_entity_poly.entity_id
_entity_poly.type
_entity_poly.pdbx_seq_one_letter_code
_entity_poly.pdbx_strand_id
1 'polypeptide(L)' MTGKSVDMYIERAGDITWEKDAEVTGNSPRLDVALDESGDFSLVEEDGPPMRE A,C
2 'polypeptide(L)'
;GALWDVPAPKEVKKGETTDGVYRVMTRRLLGSTQVGVGVMQEGVFHTMWHVTKGAALRSGEGRLDPYWGDVKQDLVSYCG
PWKLDAAWDGLSEVQLLAVPPGERAKNIQTLPGIFKTKDGDIGAVALDYPAGTSGSPILDKSGRVIGLYGNGVVIKNGSY
VSAITQGKREEETPVE
;
B,D
#
loop_
_chem_comp.id
_chem_comp.type
_chem_comp.name
_chem_comp.formula
A1CDR non-polymer 1-(1-ethyl-1H-pyrrol-3-yl)methanamine 'C7 H12 N2'
#
# COMPACT_ATOMS: atom_id res chain seq x y z
N VAL A 6 4.34 23.73 4.89
CA VAL A 6 4.32 22.39 4.32
C VAL A 6 5.73 21.92 4.00
N ASP A 7 6.35 21.18 4.92
CA ASP A 7 7.74 20.78 4.76
C ASP A 7 7.85 19.33 4.30
N MET A 8 8.70 19.11 3.31
CA MET A 8 8.97 17.83 2.70
C MET A 8 10.37 17.43 3.12
N TYR A 9 10.54 16.17 3.53
CA TYR A 9 11.80 15.71 4.10
C TYR A 9 12.04 14.28 3.66
N ILE A 10 13.30 13.83 3.77
CA ILE A 10 13.65 12.49 3.31
C ILE A 10 14.24 11.67 4.45
N GLU A 11 14.02 10.35 4.37
CA GLU A 11 14.50 9.39 5.36
C GLU A 11 15.08 8.19 4.62
N ARG A 12 16.29 7.77 4.99
CA ARG A 12 16.92 6.65 4.29
C ARG A 12 16.14 5.38 4.58
N ALA A 13 15.95 4.55 3.54
CA ALA A 13 15.20 3.31 3.70
C ALA A 13 15.97 2.07 3.27
N GLY A 14 17.09 2.21 2.60
CA GLY A 14 17.94 1.06 2.38
C GLY A 14 19.02 1.32 1.37
N ASP A 15 19.83 0.29 1.15
CA ASP A 15 20.83 0.26 0.09
C ASP A 15 20.16 -0.05 -1.24
N ILE A 16 20.81 0.33 -2.33
CA ILE A 16 20.34 -0.05 -3.66
C ILE A 16 21.09 -1.32 -4.04
N THR A 17 20.40 -2.46 -3.91
N THR A 17 20.41 -2.46 -3.91
CA THR A 17 21.02 -3.76 -4.12
CA THR A 17 21.02 -3.75 -4.15
C THR A 17 20.01 -4.72 -4.74
C THR A 17 20.00 -4.68 -4.77
N TRP A 18 20.50 -5.57 -5.63
CA TRP A 18 19.74 -6.69 -6.13
C TRP A 18 19.67 -7.77 -5.04
N GLU A 19 18.50 -8.38 -4.87
CA GLU A 19 18.29 -9.46 -3.91
C GLU A 19 17.97 -10.77 -4.61
N LYS A 20 18.82 -11.79 -4.37
CA LYS A 20 18.64 -13.09 -5.02
C LYS A 20 17.31 -13.76 -4.65
N ASP A 21 16.77 -13.43 -3.48
CA ASP A 21 15.58 -14.09 -2.94
C ASP A 21 14.30 -13.28 -3.13
N ALA A 22 14.25 -12.42 -4.14
CA ALA A 22 13.08 -11.57 -4.29
C ALA A 22 11.87 -12.37 -4.77
N GLU A 23 10.69 -11.92 -4.34
CA GLU A 23 9.43 -12.33 -4.95
C GLU A 23 9.48 -12.00 -6.45
N VAL A 24 8.88 -12.87 -7.27
CA VAL A 24 8.86 -12.71 -8.71
C VAL A 24 7.41 -12.67 -9.17
N THR A 25 7.02 -11.60 -9.87
CA THR A 25 5.62 -11.49 -10.28
C THR A 25 5.49 -10.47 -11.40
N GLY A 26 4.33 -10.51 -12.03
CA GLY A 26 3.99 -9.50 -13.00
C GLY A 26 4.15 -9.99 -14.44
N ASN A 27 3.28 -9.51 -15.32
N ASN A 27 3.30 -9.47 -15.31
CA ASN A 27 3.36 -9.88 -16.73
CA ASN A 27 3.31 -9.76 -16.74
C ASN A 27 4.12 -8.79 -17.49
C ASN A 27 4.30 -8.84 -17.47
N SER A 28 4.26 -8.99 -18.80
N SER A 28 4.29 -8.93 -18.80
CA SER A 28 5.13 -8.16 -19.64
CA SER A 28 5.18 -8.14 -19.66
C SER A 28 4.38 -7.70 -20.87
C SER A 28 4.40 -7.68 -20.89
N PRO A 29 3.41 -6.81 -20.69
CA PRO A 29 2.58 -6.38 -21.82
C PRO A 29 3.32 -5.49 -22.79
N ARG A 30 2.95 -5.61 -24.06
CA ARG A 30 3.45 -4.76 -25.14
C ARG A 30 2.32 -3.82 -25.52
N LEU A 31 2.54 -2.52 -25.33
CA LEU A 31 1.51 -1.51 -25.45
C LEU A 31 2.00 -0.42 -26.39
N ASP A 32 1.09 0.06 -27.23
CA ASP A 32 1.32 1.28 -27.99
C ASP A 32 0.89 2.48 -27.18
N VAL A 33 1.81 3.41 -26.93
CA VAL A 33 1.48 4.58 -26.11
C VAL A 33 2.00 5.85 -26.75
N ALA A 34 1.41 6.96 -26.33
CA ALA A 34 1.86 8.30 -26.66
C ALA A 34 2.16 9.05 -25.36
N LEU A 35 3.11 9.96 -25.42
CA LEU A 35 3.53 10.74 -24.25
C LEU A 35 3.30 12.21 -24.59
N ASP A 36 2.44 12.88 -23.84
CA ASP A 36 2.10 14.25 -24.18
C ASP A 36 2.99 15.22 -23.41
N GLU A 37 2.75 16.51 -23.65
CA GLU A 37 3.63 17.54 -23.13
C GLU A 37 3.63 17.59 -21.61
N SER A 38 2.54 17.16 -20.98
CA SER A 38 2.43 17.18 -19.52
C SER A 38 2.96 15.92 -18.86
N GLY A 39 3.67 15.09 -19.61
CA GLY A 39 4.23 13.87 -19.08
C GLY A 39 3.25 12.75 -18.94
N ASP A 40 2.07 12.87 -19.54
CA ASP A 40 1.04 11.84 -19.41
C ASP A 40 1.13 10.86 -20.56
N PHE A 41 1.23 9.58 -20.21
CA PHE A 41 1.14 8.50 -21.17
C PHE A 41 -0.33 8.17 -21.45
N SER A 42 -0.64 7.88 -22.70
CA SER A 42 -1.96 7.41 -23.05
C SER A 42 -1.81 6.27 -24.05
N LEU A 43 -2.82 5.41 -24.08
CA LEU A 43 -2.84 4.36 -25.08
C LEU A 43 -3.16 4.93 -26.45
N VAL A 44 -2.58 4.29 -27.46
CA VAL A 44 -2.84 4.60 -28.86
C VAL A 44 -3.28 3.33 -29.55
N GLU A 45 -4.19 3.50 -30.51
CA GLU A 45 -4.61 2.38 -31.33
C GLU A 45 -4.55 2.78 -32.79
N THR B 17 23.03 12.35 2.81
CA THR B 17 23.85 12.41 1.59
C THR B 17 24.34 11.02 1.19
N THR B 18 24.26 10.06 2.12
CA THR B 18 24.66 8.69 1.84
C THR B 18 23.88 8.13 0.66
N ASP B 19 24.59 7.37 -0.18
CA ASP B 19 23.93 6.64 -1.25
C ASP B 19 22.82 5.77 -0.69
N GLY B 20 21.71 5.68 -1.41
CA GLY B 20 20.67 4.75 -1.03
C GLY B 20 19.32 5.16 -1.56
N VAL B 21 18.32 4.37 -1.18
CA VAL B 21 16.93 4.69 -1.49
C VAL B 21 16.31 5.34 -0.27
N TYR B 22 15.48 6.37 -0.49
CA TYR B 22 14.92 7.22 0.56
C TYR B 22 13.42 7.38 0.39
N ARG B 23 12.68 7.43 1.51
CA ARG B 23 11.31 7.90 1.52
C ARG B 23 11.27 9.41 1.39
N VAL B 24 10.28 9.91 0.66
CA VAL B 24 9.96 11.35 0.64
C VAL B 24 8.68 11.54 1.42
N MET B 25 8.76 12.33 2.48
CA MET B 25 7.72 12.48 3.48
C MET B 25 7.23 13.92 3.48
N THR B 26 5.97 14.12 3.86
CA THR B 26 5.45 15.47 4.07
C THR B 26 4.74 15.56 5.41
N ARG B 27 4.74 16.76 5.98
CA ARG B 27 3.87 17.11 7.09
C ARG B 27 2.98 18.28 6.71
N GLY B 31 0.20 15.24 11.32
CA GLY B 31 0.77 13.93 11.01
C GLY B 31 1.60 13.87 9.73
N SER B 32 2.34 12.79 9.54
CA SER B 32 3.23 12.65 8.39
C SER B 32 2.68 11.61 7.41
N THR B 33 3.02 11.82 6.14
CA THR B 33 2.52 11.02 5.03
C THR B 33 3.67 10.80 4.06
N GLN B 34 3.81 9.59 3.52
CA GLN B 34 4.82 9.31 2.53
C GLN B 34 4.24 9.64 1.15
N VAL B 35 4.84 10.60 0.46
CA VAL B 35 4.38 10.95 -0.88
C VAL B 35 5.20 10.31 -2.00
N GLY B 36 6.38 9.79 -1.70
CA GLY B 36 7.17 9.15 -2.73
C GLY B 36 8.46 8.62 -2.21
N VAL B 37 9.37 8.37 -3.14
CA VAL B 37 10.64 7.69 -2.93
C VAL B 37 11.65 8.35 -3.85
N GLY B 38 12.92 8.27 -3.50
CA GLY B 38 13.96 8.68 -4.42
C GLY B 38 15.28 7.99 -4.16
N VAL B 39 16.25 8.33 -5.00
CA VAL B 39 17.56 7.68 -5.04
C VAL B 39 18.63 8.72 -4.82
N MET B 40 19.51 8.48 -3.85
CA MET B 40 20.70 9.29 -3.65
C MET B 40 21.85 8.56 -4.31
N GLN B 41 22.56 9.23 -5.22
CA GLN B 41 23.73 8.64 -5.83
C GLN B 41 24.66 9.77 -6.25
N GLU B 42 25.95 9.63 -5.90
CA GLU B 42 26.96 10.62 -6.24
C GLU B 42 26.56 12.01 -5.78
N GLY B 43 25.95 12.08 -4.58
CA GLY B 43 25.62 13.35 -3.98
C GLY B 43 24.41 14.05 -4.54
N VAL B 44 23.63 13.38 -5.39
CA VAL B 44 22.47 13.95 -6.07
C VAL B 44 21.26 13.13 -5.69
N PHE B 45 20.16 13.80 -5.36
CA PHE B 45 18.91 13.11 -5.06
C PHE B 45 18.04 13.13 -6.29
N HIS B 46 17.55 11.96 -6.68
CA HIS B 46 16.73 11.77 -7.85
C HIS B 46 15.32 11.31 -7.47
N THR B 47 14.29 11.97 -7.99
CA THR B 47 12.93 11.50 -7.77
C THR B 47 12.06 11.94 -8.94
N MET B 48 10.76 11.74 -8.82
CA MET B 48 9.86 12.08 -9.91
C MET B 48 9.23 13.45 -9.65
N TRP B 49 9.11 14.21 -10.73
CA TRP B 49 8.58 15.56 -10.59
C TRP B 49 7.25 15.56 -9.87
N HIS B 50 6.35 14.61 -10.20
CA HIS B 50 5.01 14.65 -9.62
C HIS B 50 5.04 14.40 -8.13
N VAL B 51 6.15 13.89 -7.59
CA VAL B 51 6.25 13.68 -6.14
C VAL B 51 6.49 15.00 -5.41
N THR B 52 7.43 15.82 -5.89
CA THR B 52 7.84 17.00 -5.14
C THR B 52 7.50 18.33 -5.81
N LYS B 53 7.23 18.30 -7.12
CA LYS B 53 7.05 19.54 -7.90
C LYS B 53 8.24 20.48 -7.75
N GLY B 54 9.41 19.91 -7.49
CA GLY B 54 10.63 20.70 -7.40
C GLY B 54 10.80 21.43 -6.10
N ALA B 55 9.94 21.20 -5.12
CA ALA B 55 10.09 21.87 -3.84
C ALA B 55 11.39 21.44 -3.18
N ALA B 56 11.95 22.35 -2.39
CA ALA B 56 13.14 21.98 -1.64
C ALA B 56 12.82 20.89 -0.63
N LEU B 57 13.83 20.10 -0.29
CA LEU B 57 13.69 18.97 0.61
C LEU B 57 14.56 19.16 1.83
N ARG B 58 14.07 18.71 2.97
CA ARG B 58 14.86 18.66 4.18
C ARG B 58 15.50 17.28 4.30
N SER B 59 16.76 17.25 4.71
CA SER B 59 17.42 16.01 5.09
C SER B 59 18.09 16.28 6.44
N GLY B 60 17.43 15.88 7.50
CA GLY B 60 17.97 16.16 8.83
C GLY B 60 17.91 17.65 9.05
N GLU B 61 19.06 18.23 9.40
CA GLU B 61 19.19 19.67 9.55
C GLU B 61 19.62 20.36 8.26
N GLY B 62 19.87 19.61 7.18
CA GLY B 62 20.29 20.17 5.92
C GLY B 62 19.14 20.37 4.94
N ARG B 63 19.42 21.13 3.90
CA ARG B 63 18.44 21.37 2.85
C ARG B 63 18.99 20.90 1.51
N LEU B 64 18.11 20.32 0.69
CA LEU B 64 18.46 19.89 -0.66
C LEU B 64 17.70 20.79 -1.63
N ASP B 65 18.42 21.50 -2.49
CA ASP B 65 17.77 22.40 -3.42
C ASP B 65 17.65 21.78 -4.81
N PRO B 66 16.56 22.06 -5.52
CA PRO B 66 16.40 21.50 -6.87
C PRO B 66 17.44 22.09 -7.81
N TYR B 67 17.84 21.27 -8.76
CA TYR B 67 18.89 21.59 -9.72
C TYR B 67 18.42 21.46 -11.16
N TRP B 68 17.67 20.41 -11.47
CA TRP B 68 17.14 20.20 -12.80
C TRP B 68 15.79 19.54 -12.66
N GLY B 69 14.87 19.87 -13.54
CA GLY B 69 13.59 19.16 -13.56
C GLY B 69 12.90 19.29 -14.89
N ASP B 70 12.04 18.32 -15.18
CA ASP B 70 11.36 18.28 -16.47
C ASP B 70 10.01 17.58 -16.31
N VAL B 71 8.93 18.32 -16.59
CA VAL B 71 7.58 17.76 -16.40
C VAL B 71 7.30 16.64 -17.38
N LYS B 72 7.75 16.76 -18.64
CA LYS B 72 7.45 15.70 -19.61
C LYS B 72 8.12 14.38 -19.25
N GLN B 73 9.38 14.43 -18.80
CA GLN B 73 10.04 13.22 -18.34
C GLN B 73 9.57 12.80 -16.95
N ASP B 74 8.90 13.71 -16.24
CA ASP B 74 8.43 13.54 -14.86
C ASP B 74 9.58 13.24 -13.91
N LEU B 75 10.68 13.98 -14.05
CA LEU B 75 11.85 13.76 -13.23
C LEU B 75 12.40 15.07 -12.65
N VAL B 76 13.14 14.92 -11.54
CA VAL B 76 13.78 16.06 -10.88
C VAL B 76 15.02 15.56 -10.15
N SER B 77 16.08 16.37 -10.18
CA SER B 77 17.28 16.12 -9.40
C SER B 77 17.56 17.30 -8.49
N TYR B 78 18.20 16.98 -7.36
CA TYR B 78 18.57 17.91 -6.31
C TYR B 78 20.07 17.85 -6.09
N CYS B 79 20.68 19.03 -5.90
CA CYS B 79 22.08 19.23 -5.54
C CYS B 79 23.02 19.07 -6.72
N GLY B 80 22.55 18.62 -7.86
CA GLY B 80 23.41 18.44 -9.00
C GLY B 80 22.63 17.85 -10.13
N PRO B 81 23.29 17.61 -11.26
CA PRO B 81 22.61 17.06 -12.43
C PRO B 81 22.30 15.58 -12.27
N TRP B 82 21.31 15.14 -13.04
CA TRP B 82 20.89 13.75 -13.06
C TRP B 82 22.07 12.81 -13.33
N LYS B 83 22.25 11.81 -12.46
CA LYS B 83 23.43 10.95 -12.52
C LYS B 83 23.15 9.55 -13.02
N LEU B 84 21.90 9.12 -13.06
CA LEU B 84 21.59 7.74 -13.35
C LEU B 84 21.50 7.55 -14.86
N ASP B 85 22.23 6.58 -15.36
CA ASP B 85 22.29 6.42 -16.81
C ASP B 85 22.21 4.99 -17.32
N ALA B 86 22.10 3.99 -16.46
CA ALA B 86 21.93 2.63 -16.94
C ALA B 86 20.55 2.47 -17.60
N ALA B 87 20.45 1.49 -18.51
CA ALA B 87 19.23 1.24 -19.25
C ALA B 87 18.91 -0.25 -19.30
N TRP B 88 17.61 -0.55 -19.34
CA TRP B 88 17.17 -1.94 -19.52
C TRP B 88 17.77 -2.50 -20.80
N ASP B 89 18.20 -3.75 -20.73
CA ASP B 89 18.84 -4.41 -21.87
C ASP B 89 17.80 -4.99 -22.82
N GLY B 90 16.52 -4.91 -22.49
CA GLY B 90 15.47 -5.38 -23.35
C GLY B 90 15.19 -6.87 -23.32
N LEU B 91 15.94 -7.64 -22.53
CA LEU B 91 15.78 -9.10 -22.50
C LEU B 91 15.64 -9.68 -21.09
N SER B 92 16.30 -9.02 -20.14
CA SER B 92 16.54 -9.55 -18.81
C SER B 92 15.47 -9.11 -17.81
N GLU B 93 15.25 -9.95 -16.81
CA GLU B 93 14.43 -9.51 -15.70
C GLU B 93 15.15 -8.40 -14.92
N VAL B 94 14.34 -7.61 -14.23
CA VAL B 94 14.77 -6.45 -13.46
C VAL B 94 14.14 -6.60 -12.08
N GLN B 95 14.56 -5.73 -11.16
CA GLN B 95 13.91 -5.69 -9.85
C GLN B 95 13.43 -4.29 -9.52
N LEU B 96 12.18 -4.20 -9.13
CA LEU B 96 11.67 -2.98 -8.51
C LEU B 96 12.05 -3.04 -7.04
N LEU B 97 12.88 -2.08 -6.60
CA LEU B 97 13.16 -1.89 -5.17
C LEU B 97 12.08 -0.97 -4.62
N ALA B 98 10.94 -1.58 -4.31
CA ALA B 98 9.77 -0.84 -3.83
C ALA B 98 9.95 -0.41 -2.38
N VAL B 99 9.63 0.84 -2.07
CA VAL B 99 9.59 1.27 -0.67
C VAL B 99 8.19 1.77 -0.37
N PRO B 100 7.26 0.87 -0.11
CA PRO B 100 5.89 1.31 0.13
C PRO B 100 5.77 2.03 1.46
N PRO B 101 4.77 2.90 1.59
CA PRO B 101 4.51 3.51 2.89
C PRO B 101 4.33 2.45 3.97
N GLY B 102 5.02 2.64 5.09
CA GLY B 102 4.88 1.76 6.23
C GLY B 102 5.51 0.40 6.10
N GLU B 103 6.30 0.15 5.07
CA GLU B 103 6.86 -1.17 4.84
C GLU B 103 8.35 -1.06 4.55
N ARG B 104 9.08 -2.08 4.96
CA ARG B 104 10.51 -2.14 4.67
C ARG B 104 10.74 -2.20 3.16
N ALA B 105 11.84 -1.58 2.71
CA ALA B 105 12.24 -1.70 1.32
C ALA B 105 12.30 -3.17 0.92
N LYS B 106 11.75 -3.49 -0.27
CA LYS B 106 11.67 -4.87 -0.71
C LYS B 106 11.84 -4.96 -2.22
N ASN B 107 12.41 -6.08 -2.67
CA ASN B 107 12.71 -6.24 -4.09
C ASN B 107 11.65 -7.13 -4.73
N ILE B 108 11.10 -6.67 -5.85
CA ILE B 108 10.11 -7.39 -6.64
C ILE B 108 10.70 -7.62 -8.03
N GLN B 109 10.94 -8.88 -8.40
CA GLN B 109 11.56 -9.19 -9.68
C GLN B 109 10.49 -9.40 -10.74
N THR B 110 10.76 -8.95 -11.97
CA THR B 110 9.77 -9.04 -13.03
C THR B 110 10.48 -8.92 -14.37
N LEU B 111 9.86 -9.48 -15.43
CA LEU B 111 10.29 -9.20 -16.79
C LEU B 111 9.51 -8.02 -17.32
N PRO B 112 10.15 -6.88 -17.66
CA PRO B 112 9.39 -5.75 -18.21
C PRO B 112 8.68 -6.08 -19.51
N GLY B 113 7.51 -5.45 -19.69
CA GLY B 113 6.93 -5.28 -21.01
C GLY B 113 7.51 -4.05 -21.68
N ILE B 114 6.82 -3.53 -22.69
CA ILE B 114 7.37 -2.47 -23.54
C ILE B 114 6.30 -1.43 -23.78
N PHE B 115 6.62 -0.14 -23.59
CA PHE B 115 5.85 0.94 -24.20
C PHE B 115 6.45 1.24 -25.57
N LYS B 116 5.68 1.02 -26.64
CA LYS B 116 6.11 1.35 -28.00
C LYS B 116 5.62 2.76 -28.31
N THR B 117 6.55 3.68 -28.53
CA THR B 117 6.21 5.06 -28.82
C THR B 117 6.86 5.48 -30.14
N LYS B 118 6.37 6.58 -30.67
CA LYS B 118 6.91 7.11 -31.93
C LYS B 118 8.39 7.46 -31.82
N ASP B 119 8.90 7.69 -30.62
CA ASP B 119 10.30 8.00 -30.40
C ASP B 119 11.10 6.80 -29.90
N GLY B 120 10.54 5.61 -29.94
CA GLY B 120 11.25 4.40 -29.57
C GLY B 120 10.54 3.67 -28.45
N ASP B 121 11.14 2.57 -28.04
CA ASP B 121 10.57 1.68 -27.03
C ASP B 121 11.11 2.02 -25.66
N ILE B 122 10.25 1.87 -24.65
CA ILE B 122 10.56 2.10 -23.23
C ILE B 122 10.17 0.85 -22.47
N GLY B 123 11.03 0.34 -21.60
CA GLY B 123 10.64 -0.75 -20.74
C GLY B 123 9.51 -0.32 -19.82
N ALA B 124 8.68 -1.28 -19.41
CA ALA B 124 7.56 -0.96 -18.55
C ALA B 124 7.30 -2.14 -17.62
N VAL B 125 6.93 -1.86 -16.38
CA VAL B 125 6.70 -2.93 -15.40
C VAL B 125 5.25 -2.94 -14.95
N ALA B 126 4.63 -4.12 -15.01
CA ALA B 126 3.20 -4.29 -14.78
C ALA B 126 3.00 -4.65 -13.32
N LEU B 127 3.37 -3.68 -12.49
CA LEU B 127 3.37 -3.79 -11.05
C LEU B 127 2.62 -2.59 -10.48
N ASP B 128 1.76 -2.86 -9.50
CA ASP B 128 0.81 -1.87 -8.99
C ASP B 128 0.97 -1.76 -7.47
N TYR B 129 1.81 -0.81 -7.05
CA TYR B 129 2.03 -0.50 -5.63
C TYR B 129 1.42 0.85 -5.25
N PRO B 130 1.27 1.13 -3.96
CA PRO B 130 0.64 2.40 -3.55
C PRO B 130 1.34 3.63 -4.11
N ALA B 131 0.58 4.73 -4.26
CA ALA B 131 1.12 5.94 -4.91
C ALA B 131 2.39 6.44 -4.25
N GLY B 132 2.49 6.29 -2.92
CA GLY B 132 3.66 6.71 -2.15
C GLY B 132 4.92 5.99 -2.48
N THR B 133 4.83 4.95 -3.34
CA THR B 133 5.97 4.22 -3.87
C THR B 133 6.58 4.90 -5.10
N SER B 134 5.92 5.93 -5.64
CA SER B 134 6.43 6.61 -6.83
C SER B 134 7.83 7.14 -6.56
N GLY B 135 8.75 6.90 -7.50
CA GLY B 135 10.15 7.23 -7.32
C GLY B 135 11.02 6.07 -6.93
N SER B 136 10.42 4.92 -6.65
CA SER B 136 11.21 3.77 -6.29
C SER B 136 12.07 3.36 -7.47
N PRO B 137 13.30 2.94 -7.24
CA PRO B 137 14.17 2.58 -8.35
C PRO B 137 13.92 1.19 -8.88
N ILE B 138 14.16 1.03 -10.17
CA ILE B 138 14.19 -0.25 -10.86
C ILE B 138 15.63 -0.53 -11.21
N LEU B 139 16.07 -1.75 -10.93
CA LEU B 139 17.47 -2.14 -10.98
C LEU B 139 17.69 -3.24 -12.01
N ASP B 140 18.86 -3.20 -12.64
CA ASP B 140 19.31 -4.35 -13.42
C ASP B 140 20.09 -5.31 -12.53
N LYS B 141 20.58 -6.40 -13.13
CA LYS B 141 21.17 -7.48 -12.36
C LYS B 141 22.46 -7.03 -11.66
N SER B 142 23.15 -6.05 -12.20
CA SER B 142 24.38 -5.61 -11.56
C SER B 142 24.11 -4.56 -10.50
N GLY B 143 22.83 -4.27 -10.22
CA GLY B 143 22.46 -3.33 -9.18
C GLY B 143 22.41 -1.88 -9.60
N ARG B 144 22.51 -1.58 -10.90
CA ARG B 144 22.42 -0.19 -11.37
C ARG B 144 20.96 0.22 -11.53
N VAL B 145 20.65 1.49 -11.23
CA VAL B 145 19.29 2.00 -11.40
C VAL B 145 19.05 2.28 -12.88
N ILE B 146 18.10 1.55 -13.48
CA ILE B 146 17.74 1.73 -14.89
C ILE B 146 16.55 2.65 -15.07
N GLY B 147 15.93 3.11 -13.99
CA GLY B 147 14.87 4.09 -14.07
C GLY B 147 14.12 4.10 -12.76
N LEU B 148 13.09 4.98 -12.72
CA LEU B 148 12.22 5.12 -11.55
C LEU B 148 10.79 4.74 -11.90
N TYR B 149 10.08 4.21 -10.89
CA TYR B 149 8.72 3.69 -10.96
C TYR B 149 7.69 4.76 -10.62
N GLY B 150 6.62 4.84 -11.41
CA GLY B 150 5.49 5.66 -10.98
C GLY B 150 4.89 6.62 -11.97
N ASN B 151 5.35 6.60 -13.23
CA ASN B 151 4.63 7.28 -14.32
C ASN B 151 4.25 6.22 -15.35
N GLY B 152 2.98 6.11 -15.65
CA GLY B 152 2.51 5.02 -16.47
C GLY B 152 1.12 5.22 -17.03
N VAL B 153 0.44 4.10 -17.28
CA VAL B 153 -0.83 4.07 -17.98
C VAL B 153 -1.61 2.91 -17.42
N VAL B 154 -2.93 2.97 -17.57
CA VAL B 154 -3.82 1.88 -17.18
C VAL B 154 -4.28 1.15 -18.43
N ILE B 155 -4.17 -0.17 -18.41
CA ILE B 155 -4.64 -0.98 -19.52
C ILE B 155 -6.03 -1.52 -19.22
N SER B 159 -5.51 -2.58 -14.98
CA SER B 159 -4.24 -2.65 -14.26
C SER B 159 -3.26 -1.56 -14.68
N TYR B 160 -2.49 -1.09 -13.70
CA TYR B 160 -1.50 -0.06 -13.92
C TYR B 160 -0.19 -0.68 -14.40
N VAL B 161 0.44 0.00 -15.34
CA VAL B 161 1.75 -0.36 -15.88
C VAL B 161 2.61 0.89 -15.86
N SER B 162 3.80 0.79 -15.26
CA SER B 162 4.69 1.93 -15.09
C SER B 162 5.76 1.89 -16.16
N ALA B 163 6.02 3.02 -16.79
CA ALA B 163 7.24 3.12 -17.55
C ALA B 163 8.44 2.90 -16.62
N ILE B 164 9.51 2.38 -17.18
CA ILE B 164 10.83 2.51 -16.54
C ILE B 164 11.38 3.86 -16.98
N THR B 165 11.26 4.88 -16.12
CA THR B 165 11.58 6.26 -16.51
C THR B 165 13.03 6.57 -16.13
N GLN B 166 13.85 6.82 -17.13
CA GLN B 166 15.26 7.17 -16.92
C GLN B 166 15.55 8.53 -17.52
N GLY B 167 16.46 9.27 -16.87
CA GLY B 167 16.85 10.59 -17.32
C GLY B 167 18.09 10.52 -18.18
N LYS B 168 18.67 11.69 -18.42
CA LYS B 168 19.87 11.82 -19.22
C LYS B 168 21.00 12.33 -18.36
N ARG B 169 22.11 11.61 -18.36
CA ARG B 169 23.33 12.07 -17.71
C ARG B 169 24.26 12.65 -18.77
N ASP C 7 1.64 -9.57 26.63
CA ASP C 7 2.50 -9.21 25.50
C ASP C 7 1.91 -8.19 24.51
N MET C 8 0.58 -8.07 24.44
CA MET C 8 -0.04 -7.11 23.54
C MET C 8 -0.98 -6.19 24.30
N TYR C 9 -1.11 -4.95 23.82
CA TYR C 9 -1.99 -3.98 24.44
C TYR C 9 -2.67 -3.18 23.35
N ILE C 10 -3.77 -2.50 23.70
CA ILE C 10 -4.52 -1.72 22.74
C ILE C 10 -4.46 -0.25 23.12
N GLU C 11 -4.49 0.62 22.11
CA GLU C 11 -4.51 2.05 22.37
C GLU C 11 -5.38 2.75 21.35
N ARG C 12 -6.10 3.76 21.82
CA ARG C 12 -7.12 4.39 20.99
C ARG C 12 -6.51 5.02 19.76
N ALA C 13 -7.21 4.90 18.63
CA ALA C 13 -6.82 5.53 17.38
C ALA C 13 -7.90 6.44 16.77
N GLY C 14 -9.14 6.39 17.23
CA GLY C 14 -10.11 7.36 16.74
C GLY C 14 -11.53 6.91 17.00
N ASP C 15 -12.46 7.82 16.70
CA ASP C 15 -13.87 7.48 16.62
C ASP C 15 -14.14 6.77 15.30
N ILE C 16 -15.24 6.05 15.23
CA ILE C 16 -15.64 5.39 13.98
C ILE C 16 -16.76 6.19 13.36
N THR C 17 -16.47 6.85 12.23
CA THR C 17 -17.44 7.68 11.55
C THR C 17 -17.13 7.64 10.04
N TRP C 18 -18.20 7.76 9.27
CA TRP C 18 -18.07 8.04 7.85
C TRP C 18 -17.59 9.47 7.66
N GLU C 19 -16.72 9.68 6.67
CA GLU C 19 -16.21 11.01 6.37
C GLU C 19 -16.75 11.48 5.02
N LYS C 20 -17.45 12.61 5.02
CA LYS C 20 -18.20 13.04 3.83
C LYS C 20 -17.30 13.44 2.67
N ASP C 21 -16.08 13.89 2.93
CA ASP C 21 -15.23 14.32 1.84
C ASP C 21 -14.01 13.43 1.69
N ALA C 22 -14.22 12.12 1.83
CA ALA C 22 -13.14 11.16 1.68
C ALA C 22 -12.77 11.00 0.21
N GLU C 23 -11.50 10.71 -0.03
CA GLU C 23 -11.07 10.35 -1.38
C GLU C 23 -11.66 9.00 -1.76
N VAL C 24 -12.09 8.88 -3.02
CA VAL C 24 -12.56 7.62 -3.58
C VAL C 24 -11.42 7.03 -4.38
N THR C 25 -11.16 5.75 -4.21
CA THR C 25 -10.08 5.10 -4.93
C THR C 25 -10.29 3.60 -4.97
N GLY C 26 -9.53 2.96 -5.83
CA GLY C 26 -9.55 1.52 -5.98
C GLY C 26 -10.56 1.05 -7.02
N ASN C 27 -10.29 -0.14 -7.57
CA ASN C 27 -11.20 -0.75 -8.52
C ASN C 27 -12.11 -1.73 -7.77
N SER C 28 -12.86 -2.53 -8.53
CA SER C 28 -13.93 -3.38 -8.00
C SER C 28 -13.82 -4.75 -8.65
N PRO C 29 -12.75 -5.48 -8.37
CA PRO C 29 -12.51 -6.74 -9.09
C PRO C 29 -13.47 -7.85 -8.69
N ARG C 30 -13.76 -8.72 -9.64
CA ARG C 30 -14.54 -9.93 -9.39
C ARG C 30 -13.55 -11.09 -9.51
N LEU C 31 -13.19 -11.70 -8.38
CA LEU C 31 -12.13 -12.68 -8.30
C LEU C 31 -12.69 -14.02 -7.84
N ASP C 32 -12.32 -15.10 -8.53
CA ASP C 32 -12.58 -16.44 -8.05
C ASP C 32 -11.52 -16.82 -7.02
N VAL C 33 -11.94 -17.13 -5.78
CA VAL C 33 -11.01 -17.46 -4.71
C VAL C 33 -11.48 -18.71 -3.97
N ALA C 34 -10.53 -19.31 -3.26
CA ALA C 34 -10.81 -20.42 -2.35
C ALA C 34 -10.40 -20.02 -0.94
N LEU C 35 -11.13 -20.52 0.05
CA LEU C 35 -10.87 -20.28 1.47
C LEU C 35 -10.52 -21.62 2.09
N ASP C 36 -9.28 -21.78 2.55
CA ASP C 36 -8.90 -23.07 3.11
C ASP C 36 -9.23 -23.11 4.60
N GLU C 37 -9.12 -24.31 5.18
CA GLU C 37 -9.54 -24.50 6.56
C GLU C 37 -8.69 -23.68 7.53
N SER C 38 -7.54 -23.16 7.09
CA SER C 38 -6.72 -22.28 7.93
C SER C 38 -7.14 -20.82 7.87
N GLY C 39 -8.17 -20.49 7.10
CA GLY C 39 -8.59 -19.10 6.98
C GLY C 39 -7.82 -18.32 5.96
N ASP C 40 -7.09 -18.99 5.08
CA ASP C 40 -6.32 -18.31 4.04
C ASP C 40 -7.05 -18.36 2.71
N PHE C 41 -7.11 -17.20 2.04
CA PHE C 41 -7.67 -17.07 0.71
C PHE C 41 -6.57 -17.33 -0.31
N SER C 42 -6.95 -17.93 -1.44
CA SER C 42 -6.06 -18.05 -2.59
C SER C 42 -6.85 -17.85 -3.87
N LEU C 43 -6.16 -17.40 -4.92
CA LEU C 43 -6.75 -17.31 -6.24
C LEU C 43 -6.91 -18.70 -6.84
N VAL C 44 -8.03 -18.92 -7.49
CA VAL C 44 -8.24 -20.18 -8.18
C VAL C 44 -7.56 -20.13 -9.53
N GLU C 45 -6.94 -21.25 -9.92
CA GLU C 45 -6.30 -21.37 -11.22
C GLU C 45 -7.20 -22.14 -12.18
N LYS D 13 -19.20 7.84 34.38
CA LYS D 13 -20.64 7.57 34.53
C LYS D 13 -20.91 6.09 34.28
N LYS D 14 -21.92 5.56 34.95
CA LYS D 14 -22.24 4.16 34.77
C LYS D 14 -22.80 3.94 33.37
N GLY D 15 -22.18 2.98 32.67
CA GLY D 15 -22.53 2.64 31.31
C GLY D 15 -21.66 3.30 30.26
N GLU D 16 -20.70 4.11 30.66
CA GLU D 16 -19.87 4.86 29.72
C GLU D 16 -18.72 3.99 29.21
N THR D 17 -18.98 3.21 28.16
CA THR D 17 -17.95 2.38 27.55
C THR D 17 -17.13 3.20 26.56
N THR D 18 -16.13 2.54 25.98
CA THR D 18 -15.06 3.25 25.26
C THR D 18 -15.05 2.94 23.76
N ASP D 19 -16.16 3.21 23.06
CA ASP D 19 -16.26 2.85 21.64
C ASP D 19 -15.16 3.53 20.84
N GLY D 20 -14.68 2.84 19.82
CA GLY D 20 -13.76 3.45 18.88
C GLY D 20 -12.91 2.41 18.18
N VAL D 21 -11.97 2.92 17.40
CA VAL D 21 -11.00 2.06 16.73
C VAL D 21 -9.70 2.17 17.49
N TYR D 22 -8.99 1.04 17.62
CA TYR D 22 -7.82 0.90 18.47
C TYR D 22 -6.70 0.21 17.70
N ARG D 23 -5.47 0.64 17.97
CA ARG D 23 -4.29 -0.08 17.51
C ARG D 23 -3.98 -1.24 18.45
N VAL D 24 -3.56 -2.37 17.88
CA VAL D 24 -3.07 -3.50 18.67
C VAL D 24 -1.55 -3.48 18.59
N MET D 25 -0.92 -3.32 19.74
CA MET D 25 0.51 -3.04 19.85
C MET D 25 1.22 -4.15 20.61
N THR D 26 2.49 -4.38 20.26
CA THR D 26 3.33 -5.25 21.09
C THR D 26 4.12 -4.45 22.13
N LEU D 30 9.40 -6.03 21.95
CA LEU D 30 9.27 -6.62 20.61
C LEU D 30 9.36 -5.55 19.54
N GLY D 31 9.72 -4.33 19.97
CA GLY D 31 9.83 -3.21 19.06
C GLY D 31 8.71 -2.21 19.17
N SER D 32 7.73 -2.43 20.04
CA SER D 32 6.57 -1.56 20.15
C SER D 32 5.90 -1.40 18.79
N THR D 33 5.64 -2.55 18.16
CA THR D 33 5.11 -2.61 16.81
C THR D 33 3.60 -2.64 16.84
N GLN D 34 2.99 -2.01 15.84
CA GLN D 34 1.56 -2.18 15.61
C GLN D 34 1.39 -3.44 14.78
N VAL D 35 0.76 -4.47 15.36
CA VAL D 35 0.49 -5.72 14.65
C VAL D 35 -0.92 -5.78 14.11
N GLY D 36 -1.80 -4.89 14.55
CA GLY D 36 -3.12 -4.84 13.96
C GLY D 36 -3.94 -3.73 14.57
N VAL D 37 -5.26 -3.86 14.39
CA VAL D 37 -6.26 -2.86 14.71
C VAL D 37 -7.51 -3.63 15.14
N GLY D 38 -8.37 -2.96 15.90
CA GLY D 38 -9.68 -3.57 16.14
C GLY D 38 -10.70 -2.52 16.53
N VAL D 39 -11.93 -2.99 16.73
CA VAL D 39 -13.09 -2.14 16.98
C VAL D 39 -13.61 -2.44 18.37
N MET D 40 -13.73 -1.42 19.21
CA MET D 40 -14.40 -1.54 20.50
C MET D 40 -15.83 -1.06 20.28
N GLN D 41 -16.81 -1.95 20.48
CA GLN D 41 -18.20 -1.54 20.32
C GLN D 41 -19.03 -2.33 21.31
N GLU D 42 -19.92 -1.63 22.02
CA GLU D 42 -20.85 -2.28 22.95
C GLU D 42 -20.11 -3.15 23.96
N GLY D 43 -18.94 -2.67 24.38
CA GLY D 43 -18.19 -3.35 25.42
C GLY D 43 -17.35 -4.52 24.96
N VAL D 44 -17.30 -4.76 23.66
CA VAL D 44 -16.61 -5.91 23.09
C VAL D 44 -15.52 -5.42 22.15
N PHE D 45 -14.35 -6.06 22.20
CA PHE D 45 -13.26 -5.75 21.28
C PHE D 45 -13.22 -6.78 20.16
N HIS D 46 -13.27 -6.29 18.93
CA HIS D 46 -13.36 -7.11 17.74
C HIS D 46 -12.08 -6.97 16.91
N THR D 47 -11.43 -8.08 16.58
CA THR D 47 -10.26 -7.99 15.70
C THR D 47 -10.13 -9.28 14.90
N MET D 48 -9.06 -9.38 14.10
CA MET D 48 -8.87 -10.58 13.30
C MET D 48 -8.00 -11.58 14.05
N TRP D 49 -8.31 -12.87 13.86
CA TRP D 49 -7.59 -13.91 14.60
C TRP D 49 -6.10 -13.85 14.33
N HIS D 50 -5.71 -13.60 13.07
CA HIS D 50 -4.29 -13.65 12.76
C HIS D 50 -3.50 -12.52 13.40
N VAL D 51 -4.16 -11.48 13.91
CA VAL D 51 -3.46 -10.41 14.61
C VAL D 51 -3.04 -10.86 16.01
N THR D 52 -3.97 -11.41 16.81
CA THR D 52 -3.68 -11.73 18.21
C THR D 52 -3.57 -13.21 18.53
N LYS D 53 -4.09 -14.08 17.67
CA LYS D 53 -4.21 -15.51 17.94
C LYS D 53 -4.96 -15.75 19.24
N GLY D 54 -5.87 -14.84 19.56
CA GLY D 54 -6.68 -15.00 20.77
C GLY D 54 -5.95 -14.76 22.05
N ALA D 55 -4.74 -14.22 22.00
CA ALA D 55 -4.01 -13.88 23.22
C ALA D 55 -4.72 -12.77 23.99
N ALA D 56 -4.61 -12.81 25.31
CA ALA D 56 -5.19 -11.75 26.12
C ALA D 56 -4.52 -10.42 25.82
N LEU D 57 -5.27 -9.33 26.03
CA LEU D 57 -4.82 -7.99 25.71
C LEU D 57 -4.87 -7.12 26.94
N ARG D 58 -3.92 -6.21 27.04
CA ARG D 58 -3.91 -5.20 28.08
C ARG D 58 -4.62 -3.96 27.55
N SER D 59 -5.48 -3.38 28.38
CA SER D 59 -6.20 -2.16 28.04
C SER D 59 -6.07 -1.26 29.27
N GLY D 60 -5.16 -0.29 29.19
CA GLY D 60 -4.82 0.44 30.38
C GLY D 60 -4.33 -0.51 31.44
N GLU D 61 -5.01 -0.52 32.59
CA GLU D 61 -4.70 -1.42 33.69
C GLU D 61 -5.56 -2.68 33.71
N GLY D 62 -6.54 -2.79 32.79
CA GLY D 62 -7.38 -3.97 32.72
C GLY D 62 -6.88 -4.98 31.70
N ARG D 63 -7.46 -6.19 31.76
CA ARG D 63 -7.16 -7.27 30.83
C ARG D 63 -8.40 -7.59 30.02
N LEU D 64 -8.21 -7.84 28.72
CA LEU D 64 -9.29 -8.28 27.85
C LEU D 64 -9.07 -9.75 27.54
N ASP D 65 -10.06 -10.58 27.88
CA ASP D 65 -10.01 -12.02 27.64
C ASP D 65 -10.84 -12.42 26.42
N PRO D 66 -10.36 -13.37 25.63
CA PRO D 66 -11.13 -13.79 24.46
C PRO D 66 -12.40 -14.47 24.90
N TYR D 67 -13.40 -14.30 24.07
CA TYR D 67 -14.74 -14.82 24.29
C TYR D 67 -15.23 -15.72 23.16
N TRP D 68 -14.89 -15.39 21.93
CA TRP D 68 -15.28 -16.19 20.77
C TRP D 68 -14.19 -16.04 19.73
N GLY D 69 -13.91 -17.10 19.00
CA GLY D 69 -13.07 -16.95 17.82
C GLY D 69 -13.27 -18.08 16.84
N ASP D 70 -12.85 -17.82 15.61
CA ASP D 70 -12.98 -18.81 14.55
C ASP D 70 -11.84 -18.57 13.57
N VAL D 71 -10.94 -19.56 13.44
CA VAL D 71 -9.74 -19.41 12.62
C VAL D 71 -10.10 -19.28 11.14
N LYS D 72 -11.12 -20.03 10.69
CA LYS D 72 -11.43 -19.97 9.27
C LYS D 72 -12.02 -18.63 8.88
N GLN D 73 -12.92 -18.09 9.71
CA GLN D 73 -13.43 -16.74 9.47
C GLN D 73 -12.37 -15.68 9.73
N ASP D 74 -11.32 -16.04 10.48
CA ASP D 74 -10.22 -15.15 10.87
C ASP D 74 -10.67 -14.03 11.78
N LEU D 75 -11.52 -14.35 12.76
CA LEU D 75 -12.08 -13.33 13.62
C LEU D 75 -12.03 -13.76 15.08
N VAL D 76 -12.00 -12.78 15.97
CA VAL D 76 -11.98 -13.05 17.42
C VAL D 76 -12.62 -11.86 18.12
N SER D 77 -13.39 -12.15 19.18
CA SER D 77 -13.97 -11.12 20.04
C SER D 77 -13.49 -11.32 21.47
N TYR D 78 -13.42 -10.20 22.19
CA TYR D 78 -13.00 -10.12 23.58
C TYR D 78 -14.06 -9.45 24.43
N CYS D 79 -14.26 -9.98 25.63
CA CYS D 79 -15.13 -9.50 26.68
C CYS D 79 -16.59 -9.84 26.44
N GLY D 80 -16.96 -10.33 25.28
CA GLY D 80 -18.33 -10.62 24.98
C GLY D 80 -18.43 -11.14 23.57
N PRO D 81 -19.64 -11.46 23.15
CA PRO D 81 -19.85 -12.02 21.82
C PRO D 81 -19.70 -10.95 20.75
N TRP D 82 -19.47 -11.41 19.53
CA TRP D 82 -19.36 -10.54 18.36
C TRP D 82 -20.62 -9.69 18.22
N LYS D 83 -20.43 -8.37 18.10
CA LYS D 83 -21.53 -7.41 18.10
C LYS D 83 -21.85 -6.83 16.74
N LEU D 84 -20.95 -7.00 15.77
CA LEU D 84 -21.07 -6.24 14.53
C LEU D 84 -21.82 -7.10 13.52
N ASP D 85 -22.97 -6.62 13.05
CA ASP D 85 -23.71 -7.41 12.09
C ASP D 85 -24.27 -6.63 10.92
N ALA D 86 -23.88 -5.37 10.73
CA ALA D 86 -24.22 -4.70 9.49
C ALA D 86 -23.54 -5.42 8.32
N ALA D 87 -24.22 -5.44 7.17
CA ALA D 87 -23.70 -6.09 5.97
C ALA D 87 -23.60 -5.09 4.82
N TRP D 88 -22.56 -5.24 4.00
CA TRP D 88 -22.52 -4.54 2.73
C TRP D 88 -23.79 -4.84 1.94
N ASP D 89 -24.41 -3.79 1.39
CA ASP D 89 -25.65 -3.96 0.65
C ASP D 89 -25.41 -4.46 -0.77
N GLY D 90 -24.15 -4.64 -1.18
CA GLY D 90 -23.86 -5.14 -2.50
C GLY D 90 -23.91 -4.11 -3.61
N LEU D 91 -24.16 -2.84 -3.29
CA LEU D 91 -24.50 -1.84 -4.29
C LEU D 91 -23.75 -0.54 -4.06
N SER D 92 -23.57 -0.16 -2.79
CA SER D 92 -23.10 1.15 -2.39
C SER D 92 -21.62 1.16 -2.11
N GLU D 93 -21.02 2.35 -2.25
CA GLU D 93 -19.65 2.56 -1.84
C GLU D 93 -19.56 2.46 -0.32
N VAL D 94 -18.37 2.08 0.15
CA VAL D 94 -18.06 1.88 1.55
C VAL D 94 -16.81 2.69 1.86
N GLN D 95 -16.45 2.78 3.13
CA GLN D 95 -15.20 3.42 3.53
C GLN D 95 -14.39 2.50 4.43
N LEU D 96 -13.12 2.32 4.06
CA LEU D 96 -12.14 1.74 4.97
C LEU D 96 -11.66 2.84 5.90
N LEU D 97 -11.81 2.63 7.21
CA LEU D 97 -11.20 3.54 8.19
C LEU D 97 -9.84 2.91 8.49
N ALA D 98 -8.88 3.22 7.62
CA ALA D 98 -7.57 2.62 7.73
C ALA D 98 -6.81 3.22 8.91
N VAL D 99 -6.21 2.35 9.69
CA VAL D 99 -5.34 2.78 10.80
C VAL D 99 -3.98 2.18 10.53
N PRO D 100 -3.17 2.76 9.65
CA PRO D 100 -1.87 2.18 9.37
C PRO D 100 -0.89 2.43 10.50
N PRO D 101 0.02 1.49 10.75
CA PRO D 101 1.10 1.76 11.72
C PRO D 101 1.77 3.09 11.45
N GLY D 102 1.93 3.88 12.50
CA GLY D 102 2.64 5.13 12.41
C GLY D 102 1.89 6.27 11.74
N GLU D 103 0.63 6.07 11.35
CA GLU D 103 -0.11 7.12 10.67
C GLU D 103 -1.47 7.32 11.33
N ARG D 104 -1.95 8.56 11.27
CA ARG D 104 -3.29 8.89 11.73
C ARG D 104 -4.33 8.08 10.96
N ALA D 105 -5.40 7.72 11.65
CA ALA D 105 -6.52 7.06 10.98
C ALA D 105 -7.06 7.95 9.86
N LYS D 106 -7.46 7.33 8.76
CA LYS D 106 -7.99 8.07 7.63
C LYS D 106 -9.05 7.24 6.92
N ASN D 107 -10.03 7.91 6.35
CA ASN D 107 -11.12 7.27 5.65
C ASN D 107 -10.83 7.22 4.15
N ILE D 108 -10.97 6.02 3.56
CA ILE D 108 -10.79 5.82 2.13
C ILE D 108 -12.09 5.21 1.59
N GLN D 109 -12.68 5.87 0.58
CA GLN D 109 -13.94 5.43 0.02
C GLN D 109 -13.68 4.59 -1.24
N THR D 110 -14.48 3.55 -1.44
CA THR D 110 -14.27 2.66 -2.56
C THR D 110 -15.58 1.92 -2.83
N LEU D 111 -15.72 1.43 -4.09
CA LEU D 111 -16.77 0.46 -4.40
C LEU D 111 -16.19 -0.94 -4.34
N PRO D 112 -16.65 -1.81 -3.44
CA PRO D 112 -16.09 -3.15 -3.38
C PRO D 112 -16.27 -3.92 -4.69
N GLY D 113 -15.31 -4.81 -4.94
CA GLY D 113 -15.50 -5.93 -5.85
C GLY D 113 -16.02 -7.13 -5.07
N ILE D 114 -15.79 -8.32 -5.62
CA ILE D 114 -16.42 -9.54 -5.12
C ILE D 114 -15.39 -10.66 -5.11
N PHE D 115 -15.27 -11.35 -3.98
CA PHE D 115 -14.65 -12.68 -3.92
C PHE D 115 -15.74 -13.70 -4.21
N LYS D 116 -15.60 -14.46 -5.31
CA LYS D 116 -16.54 -15.52 -5.66
C LYS D 116 -15.94 -16.84 -5.18
N THR D 117 -16.66 -17.52 -4.29
CA THR D 117 -16.21 -18.80 -3.74
C THR D 117 -17.27 -19.85 -3.99
N LYS D 118 -16.91 -21.10 -3.73
CA LYS D 118 -17.85 -22.21 -3.89
C LYS D 118 -19.05 -22.08 -2.95
N ASP D 119 -18.97 -21.25 -1.92
CA ASP D 119 -20.02 -21.13 -0.91
C ASP D 119 -20.74 -19.79 -0.96
N GLY D 120 -20.56 -19.02 -2.02
CA GLY D 120 -21.21 -17.73 -2.17
C GLY D 120 -20.20 -16.62 -2.35
N ASP D 121 -20.74 -15.42 -2.52
CA ASP D 121 -19.97 -14.22 -2.83
C ASP D 121 -19.75 -13.42 -1.54
N ILE D 122 -18.61 -12.74 -1.48
CA ILE D 122 -18.24 -11.87 -0.37
C ILE D 122 -17.72 -10.58 -1.00
N GLY D 123 -18.13 -9.43 -0.46
CA GLY D 123 -17.50 -8.18 -0.90
C GLY D 123 -16.02 -8.15 -0.54
N ALA D 124 -15.28 -7.39 -1.34
CA ALA D 124 -13.83 -7.31 -1.21
C ALA D 124 -13.39 -5.92 -1.65
N VAL D 125 -12.43 -5.33 -0.93
CA VAL D 125 -11.93 -4.00 -1.25
C VAL D 125 -10.49 -4.07 -1.77
N ALA D 126 -10.26 -3.41 -2.90
CA ALA D 126 -8.96 -3.34 -3.58
C ALA D 126 -8.21 -2.10 -3.08
N LEU D 127 -7.78 -2.20 -1.82
CA LEU D 127 -7.04 -1.19 -1.08
C LEU D 127 -5.87 -1.89 -0.41
N ASP D 128 -4.68 -1.29 -0.56
CA ASP D 128 -3.42 -1.94 -0.23
C ASP D 128 -2.72 -1.17 0.89
N TYR D 129 -2.80 -1.73 2.11
CA TYR D 129 -2.17 -1.17 3.30
C TYR D 129 -1.27 -2.20 3.96
N PRO D 130 -0.31 -1.77 4.79
CA PRO D 130 0.58 -2.73 5.46
C PRO D 130 -0.16 -3.70 6.37
N ALA D 131 0.51 -4.82 6.62
CA ALA D 131 -0.08 -5.91 7.41
C ALA D 131 -0.63 -5.45 8.75
N GLY D 132 0.04 -4.50 9.41
CA GLY D 132 -0.41 -4.03 10.73
C GLY D 132 -1.68 -3.22 10.70
N THR D 133 -2.22 -2.97 9.49
CA THR D 133 -3.53 -2.35 9.30
C THR D 133 -4.66 -3.35 9.45
N SER D 134 -4.34 -4.65 9.52
CA SER D 134 -5.36 -5.69 9.66
C SER D 134 -6.22 -5.43 10.88
N GLY D 135 -7.53 -5.57 10.68
CA GLY D 135 -8.51 -5.30 11.69
C GLY D 135 -9.16 -3.95 11.58
N SER D 136 -8.70 -3.11 10.67
CA SER D 136 -9.32 -1.82 10.47
C SER D 136 -10.75 -2.00 9.98
N PRO D 137 -11.69 -1.21 10.48
CA PRO D 137 -13.09 -1.40 10.08
C PRO D 137 -13.44 -0.83 8.72
N ILE D 138 -14.35 -1.51 8.06
CA ILE D 138 -15.00 -1.06 6.83
C ILE D 138 -16.42 -0.64 7.18
N LEU D 139 -16.86 0.51 6.65
CA LEU D 139 -18.07 1.17 7.10
C LEU D 139 -19.06 1.37 5.96
N ASP D 140 -20.34 1.32 6.30
CA ASP D 140 -21.38 1.80 5.41
C ASP D 140 -21.65 3.29 5.66
N LYS D 141 -22.55 3.86 4.84
CA LYS D 141 -22.78 5.29 4.89
C LYS D 141 -23.38 5.77 6.21
N SER D 142 -24.04 4.90 6.98
CA SER D 142 -24.50 5.31 8.30
C SER D 142 -23.43 5.14 9.37
N GLY D 143 -22.22 4.75 8.99
CA GLY D 143 -21.13 4.64 9.92
C GLY D 143 -21.04 3.31 10.63
N ARG D 144 -21.87 2.35 10.25
CA ARG D 144 -21.86 1.01 10.86
C ARG D 144 -20.72 0.19 10.28
N VAL D 145 -20.14 -0.68 11.11
CA VAL D 145 -19.04 -1.51 10.67
C VAL D 145 -19.60 -2.74 9.97
N ILE D 146 -19.31 -2.84 8.67
CA ILE D 146 -19.79 -3.96 7.86
C ILE D 146 -18.77 -5.07 7.74
N GLY D 147 -17.60 -4.91 8.34
CA GLY D 147 -16.58 -5.94 8.32
C GLY D 147 -15.23 -5.35 8.68
N LEU D 148 -14.25 -6.25 8.80
CA LEU D 148 -12.88 -5.86 9.06
C LEU D 148 -11.99 -6.17 7.87
N TYR D 149 -10.99 -5.29 7.68
CA TYR D 149 -10.00 -5.36 6.61
C TYR D 149 -8.79 -6.17 7.03
N GLY D 150 -8.29 -7.02 6.12
CA GLY D 150 -7.00 -7.63 6.35
C GLY D 150 -6.85 -9.11 6.10
N ASN D 151 -7.91 -9.80 5.66
CA ASN D 151 -7.79 -11.18 5.21
C ASN D 151 -8.13 -11.18 3.73
N GLY D 152 -7.17 -11.53 2.90
CA GLY D 152 -7.32 -11.33 1.46
C GLY D 152 -6.29 -12.08 0.64
N VAL D 153 -6.02 -11.57 -0.57
CA VAL D 153 -5.13 -12.20 -1.54
C VAL D 153 -4.26 -11.13 -2.20
N VAL D 154 -3.05 -11.53 -2.59
CA VAL D 154 -2.18 -10.73 -3.43
C VAL D 154 -2.41 -11.15 -4.86
N ILE D 155 -2.63 -10.19 -5.74
CA ILE D 155 -2.92 -10.54 -7.13
C ILE D 155 -1.67 -10.36 -7.96
N LYS D 156 -1.80 -10.61 -9.28
CA LYS D 156 -0.66 -10.83 -10.15
C LYS D 156 0.24 -9.62 -10.23
N ASN D 157 -0.32 -8.43 -10.13
CA ASN D 157 0.47 -7.22 -10.30
C ASN D 157 1.08 -6.74 -8.99
N GLY D 158 1.00 -7.55 -7.94
CA GLY D 158 1.59 -7.24 -6.66
C GLY D 158 0.69 -6.54 -5.69
N SER D 159 -0.49 -6.10 -6.13
CA SER D 159 -1.40 -5.41 -5.23
C SER D 159 -2.23 -6.39 -4.40
N TYR D 160 -2.99 -5.83 -3.47
CA TYR D 160 -3.68 -6.61 -2.46
C TYR D 160 -5.17 -6.31 -2.49
N VAL D 161 -5.97 -7.35 -2.33
CA VAL D 161 -7.42 -7.22 -2.24
C VAL D 161 -7.88 -7.94 -0.98
N SER D 162 -8.62 -7.22 -0.12
CA SER D 162 -9.11 -7.75 1.15
C SER D 162 -10.59 -8.15 1.10
N ALA D 163 -10.91 -9.30 1.66
CA ALA D 163 -12.32 -9.58 1.92
C ALA D 163 -12.87 -8.53 2.88
N ILE D 164 -14.18 -8.28 2.79
CA ILE D 164 -14.91 -7.58 3.83
C ILE D 164 -15.38 -8.66 4.80
N THR D 165 -14.60 -8.90 5.87
CA THR D 165 -14.84 -10.05 6.74
C THR D 165 -15.74 -9.63 7.90
N GLN D 166 -16.90 -10.26 8.00
CA GLN D 166 -17.89 -9.94 9.02
C GLN D 166 -18.27 -11.19 9.80
N GLY D 167 -18.51 -11.01 11.09
CA GLY D 167 -18.97 -12.09 11.94
C GLY D 167 -20.48 -12.13 12.07
N LYS D 168 -20.96 -13.05 12.89
CA LYS D 168 -22.37 -13.23 13.19
C LYS D 168 -22.65 -12.67 14.58
N ARG D 169 -23.73 -11.92 14.72
CA ARG D 169 -24.18 -11.52 16.05
C ARG D 169 -25.18 -12.53 16.63
N3 A1CDR E . -9.86 -19.17 20.67
C4 A1CDR E . -10.12 -17.84 20.93
C5 A1CDR E . -9.19 -17.39 21.81
C6 A1CDR E . -8.30 -18.46 22.10
C7 A1CDR E . -7.16 -18.39 23.06
C1 A1CDR E . -10.17 -19.92 18.33
C2 A1CDR E . -10.65 -20.03 19.76
C9 A1CDR E . -8.77 -19.54 21.38
N8 A1CDR E . -5.90 -18.62 22.38
H4 A1CDR E . -10.88 -17.38 20.52
H5 A1CDR E . -9.15 -16.47 22.15
H7B A1CDR E . -7.23 -19.08 23.75
H7A A1CDR E . -7.10 -17.52 23.48
H1A A1CDR E . -10.68 -20.52 17.76
H1B A1CDR E . -9.22 -20.17 18.27
H1C A1CDR E . -10.27 -19.00 18.00
H2B A1CDR E . -10.57 -20.94 20.08
H2A A1CDR E . -11.59 -19.76 19.83
H9 A1CDR E . -8.43 -20.45 21.32
H8A A1CDR E . -5.98 -19.26 21.78
H8C A1CDR E . -5.64 -17.87 21.99
#